data_2XN3
#
_entry.id   2XN3
#
_cell.length_a   172.835
_cell.length_b   41.624
_cell.length_c   56.188
_cell.angle_alpha   90.00
_cell.angle_beta   90.00
_cell.angle_gamma   90.00
#
_symmetry.space_group_name_H-M   'P 21 21 2'
#
loop_
_entity.id
_entity.type
_entity.pdbx_description
1 polymer 'THYROXINE-BINDING GLOBULIN'
2 polymer 'THYROXINE-BINDING GLOBULIN'
3 non-polymer '2-[(2,3-DIMETHYLPHENYL)AMINO]BENZOIC ACID'
4 water water
#
loop_
_entity_poly.entity_id
_entity_poly.type
_entity_poly.pdbx_seq_one_letter_code
_entity_poly.pdbx_strand_id
1 'polypeptide(L)'
;SQPNATLYKMSSINADFAFNLYRRFTVETPDKNIFFSPVSISAALVMLSFGACCSTQTEIVETLGFNLTDTPMVEIQHGF
QHLICSLNFPKKELELQIGNALFIGKHLKPLAKFLNDVKTLYETEVFSTDFSNISAAKQEINSHVEMQTKGKVVGLIQDL
KPNTIMVLVNYIHFKAQWANPFDPSKTEDSSSFLIDKTTTVQVPMMHQMEQYYHLVDMELNCTVLQMDYSKNALALFVLP
KEGQMESVEAAMSSKTLKKWNRLLQKGWVDLFVPKFSISATYDLGATLLKMGIQHAYSENADFSGLTEDNGLKLSNAAHK
AVLHIGEKGTEAAGAMFLEAIPR
;
A
2 'polypeptide(L)' SENTFLHPIIQIDRSFMLLILERSTRSILFLGKVVNPTEA B
#
loop_
_chem_comp.id
_chem_comp.type
_chem_comp.name
_chem_comp.formula
ID8 non-polymer '2-[(2,3-DIMETHYLPHENYL)AMINO]BENZOIC ACID' 'C15 H15 N O2'
#
# COMPACT_ATOMS: atom_id res chain seq x y z
N LEU A 7 -14.35 -0.02 12.94
CA LEU A 7 -13.33 -0.04 11.83
C LEU A 7 -11.98 0.57 12.24
N TYR A 8 -12.00 1.57 13.12
CA TYR A 8 -10.81 2.38 13.37
C TYR A 8 -9.74 1.62 14.17
N LYS A 9 -10.18 0.71 15.04
CA LYS A 9 -9.26 -0.14 15.79
C LYS A 9 -8.59 -1.15 14.85
N MET A 10 -9.28 -1.53 13.78
CA MET A 10 -8.70 -2.33 12.72
C MET A 10 -7.70 -1.48 11.93
N SER A 11 -8.14 -0.30 11.49
CA SER A 11 -7.28 0.56 10.69
C SER A 11 -6.09 1.09 11.47
N SER A 12 -6.22 1.17 12.79
CA SER A 12 -5.07 1.45 13.63
C SER A 12 -4.03 0.31 13.68
N ILE A 13 -4.51 -0.92 13.75
CA ILE A 13 -3.60 -2.07 13.68
C ILE A 13 -2.97 -2.18 12.27
N ASN A 14 -3.76 -1.89 11.24
CA ASN A 14 -3.29 -1.90 9.88
C ASN A 14 -2.23 -0.84 9.63
N ALA A 15 -2.37 0.31 10.31
CA ALA A 15 -1.39 1.39 10.21
C ALA A 15 -0.07 1.00 10.87
N ASP A 16 -0.11 0.35 12.03
CA ASP A 16 1.11 -0.04 12.70
C ASP A 16 1.83 -1.16 11.94
N PHE A 17 1.06 -2.00 11.25
CA PHE A 17 1.65 -2.98 10.33
C PHE A 17 2.36 -2.26 9.19
N ALA A 18 1.69 -1.26 8.62
CA ALA A 18 2.27 -0.44 7.57
C ALA A 18 3.66 0.07 7.98
N PHE A 19 3.71 0.70 9.15
CA PHE A 19 4.93 1.31 9.64
C PHE A 19 6.00 0.30 10.03
N ASN A 20 5.61 -0.80 10.66
CA ASN A 20 6.58 -1.86 10.92
C ASN A 20 7.18 -2.40 9.62
N LEU A 21 6.33 -2.64 8.63
CA LEU A 21 6.82 -3.07 7.33
C LEU A 21 7.71 -2.00 6.67
N TYR A 22 7.29 -0.74 6.77
CA TYR A 22 8.10 0.37 6.25
C TYR A 22 9.51 0.33 6.83
N ARG A 23 9.61 0.14 8.14
CA ARG A 23 10.91 0.01 8.77
C ARG A 23 11.72 -1.20 8.29
N ARG A 24 11.07 -2.34 8.00
CA ARG A 24 11.80 -3.46 7.41
C ARG A 24 12.38 -3.06 6.06
N PHE A 25 11.61 -2.30 5.26
CA PHE A 25 12.08 -1.82 3.95
C PHE A 25 13.25 -0.87 4.08
N THR A 26 13.23 0.05 5.04
CA THR A 26 14.39 0.93 5.24
C THR A 26 15.64 0.18 5.70
N VAL A 27 15.48 -1.06 6.15
CA VAL A 27 16.63 -1.95 6.37
C VAL A 27 17.02 -2.71 5.08
N GLU A 28 16.04 -3.20 4.32
CA GLU A 28 16.35 -3.94 3.07
C GLU A 28 16.88 -3.04 1.94
N THR A 29 16.22 -1.91 1.67
CA THR A 29 16.66 -0.92 0.66
C THR A 29 16.89 0.45 1.31
N PRO A 30 18.01 0.62 2.02
CA PRO A 30 18.22 1.84 2.83
C PRO A 30 18.59 3.09 2.00
N ASP A 31 18.32 4.27 2.55
CA ASP A 31 18.52 5.53 1.84
C ASP A 31 18.06 5.47 0.36
N LYS A 32 16.96 4.74 0.09
CA LYS A 32 16.36 4.66 -1.26
C LYS A 32 14.85 4.93 -1.21
N ASN A 33 14.30 5.25 -2.37
CA ASN A 33 12.87 5.49 -2.48
C ASN A 33 12.09 4.28 -1.96
N ILE A 34 11.06 4.54 -1.15
CA ILE A 34 10.16 3.50 -0.71
C ILE A 34 8.74 3.91 -1.12
N PHE A 35 7.98 2.99 -1.70
CA PHE A 35 6.58 3.23 -2.03
C PHE A 35 5.75 1.93 -2.13
N PHE A 36 4.71 1.84 -1.31
CA PHE A 36 3.85 0.67 -1.27
C PHE A 36 2.46 1.00 -0.80
N SER A 37 1.54 0.06 -1.01
CA SER A 37 0.19 0.19 -0.51
C SER A 37 0.04 -0.77 0.65
N PRO A 38 0.01 -0.23 1.89
CA PRO A 38 -0.14 -1.14 3.03
C PRO A 38 -1.44 -1.92 2.98
N VAL A 39 -2.52 -1.24 2.62
CA VAL A 39 -3.82 -1.87 2.48
C VAL A 39 -3.84 -2.99 1.42
N SER A 40 -3.13 -2.82 0.31
CA SER A 40 -3.03 -3.90 -0.68
C SER A 40 -2.37 -5.14 -0.10
N ILE A 41 -1.29 -4.95 0.64
CA ILE A 41 -0.54 -6.07 1.22
C ILE A 41 -1.37 -6.76 2.30
N SER A 42 -2.03 -5.97 3.13
CA SER A 42 -2.85 -6.51 4.22
C SER A 42 -4.07 -7.28 3.67
N ALA A 43 -4.76 -6.67 2.72
CA ALA A 43 -5.91 -7.29 2.03
C ALA A 43 -5.59 -8.64 1.41
N ALA A 44 -4.42 -8.74 0.78
CA ALA A 44 -4.04 -9.96 0.08
C ALA A 44 -3.81 -11.08 1.10
N LEU A 45 -3.06 -10.75 2.14
CA LEU A 45 -2.76 -11.69 3.21
C LEU A 45 -4.01 -12.09 4.00
N VAL A 46 -4.90 -11.15 4.31
CA VAL A 46 -6.17 -11.49 4.98
C VAL A 46 -7.01 -12.46 4.14
N MET A 47 -7.07 -12.20 2.84
CA MET A 47 -7.77 -13.09 1.90
C MET A 47 -7.15 -14.50 1.89
N LEU A 48 -5.82 -14.57 1.92
CA LEU A 48 -5.10 -15.84 2.02
C LEU A 48 -5.41 -16.55 3.32
N SER A 49 -5.68 -15.78 4.38
CA SER A 49 -6.04 -16.36 5.66
C SER A 49 -7.48 -16.91 5.66
N PHE A 50 -8.36 -16.40 4.81
CA PHE A 50 -9.76 -16.84 4.81
C PHE A 50 -9.81 -18.35 4.58
N GLY A 51 -8.92 -18.87 3.73
CA GLY A 51 -8.87 -20.30 3.43
C GLY A 51 -7.91 -21.15 4.27
N ALA A 52 -7.17 -20.50 5.16
CA ALA A 52 -6.21 -21.19 6.03
C ALA A 52 -6.89 -21.68 7.30
N CYS A 53 -6.26 -22.65 7.97
CA CYS A 53 -6.76 -23.14 9.25
C CYS A 53 -5.68 -23.22 10.32
N CYS A 54 -6.11 -23.24 11.59
CA CYS A 54 -5.23 -23.53 12.72
C CYS A 54 -4.02 -22.59 12.76
N SER A 55 -2.81 -23.12 12.96
CA SER A 55 -1.63 -22.27 13.08
C SER A 55 -1.31 -21.51 11.79
N THR A 56 -1.69 -22.08 10.65
CA THR A 56 -1.48 -21.41 9.39
C THR A 56 -2.26 -20.09 9.34
N GLN A 57 -3.53 -20.14 9.75
CA GLN A 57 -4.36 -18.94 9.75
C GLN A 57 -3.92 -17.96 10.83
N THR A 58 -3.78 -18.46 12.05
CA THR A 58 -3.31 -17.70 13.22
C THR A 58 -2.04 -16.87 12.93
N GLU A 59 -1.00 -17.52 12.44
CA GLU A 59 0.23 -16.82 12.06
C GLU A 59 0.01 -15.68 11.09
N ILE A 60 -0.84 -15.87 10.08
CA ILE A 60 -1.01 -14.83 9.06
C ILE A 60 -1.61 -13.59 9.73
N VAL A 61 -2.72 -13.76 10.43
CA VAL A 61 -3.36 -12.58 11.04
C VAL A 61 -2.53 -11.97 12.18
N GLU A 62 -1.72 -12.77 12.89
CA GLU A 62 -0.87 -12.20 13.93
C GLU A 62 0.28 -11.39 13.34
N THR A 63 0.87 -11.90 12.26
CA THR A 63 1.84 -11.14 11.47
C THR A 63 1.22 -9.84 10.93
N LEU A 64 -0.07 -9.87 10.58
CA LEU A 64 -0.77 -8.65 10.19
C LEU A 64 -0.97 -7.68 11.36
N GLY A 65 -0.70 -8.14 12.59
CA GLY A 65 -0.72 -7.29 13.78
C GLY A 65 -1.93 -7.47 14.67
N PHE A 66 -2.79 -8.44 14.34
CA PHE A 66 -3.96 -8.67 15.19
C PHE A 66 -3.70 -9.65 16.32
N ASN A 67 -4.43 -9.41 17.42
CA ASN A 67 -4.43 -10.26 18.60
C ASN A 67 -5.77 -11.00 18.73
N LEU A 68 -5.74 -12.32 18.60
CA LEU A 68 -6.99 -13.08 18.51
C LEU A 68 -7.83 -13.10 19.80
N THR A 69 -7.25 -12.65 20.92
CA THR A 69 -8.05 -12.42 22.13
C THR A 69 -8.84 -11.13 21.95
N ASP A 70 -8.19 -10.06 21.53
CA ASP A 70 -8.86 -8.76 21.40
C ASP A 70 -9.88 -8.74 20.27
N THR A 71 -9.54 -9.41 19.16
CA THR A 71 -10.36 -9.42 17.96
C THR A 71 -10.36 -10.83 17.33
N PRO A 72 -11.35 -11.65 17.69
CA PRO A 72 -11.41 -13.03 17.16
C PRO A 72 -11.43 -13.09 15.64
N MET A 73 -11.06 -14.26 15.12
CA MET A 73 -10.87 -14.44 13.69
C MET A 73 -12.05 -13.94 12.86
N VAL A 74 -13.26 -14.17 13.36
CA VAL A 74 -14.49 -13.79 12.65
C VAL A 74 -14.69 -12.29 12.55
N GLU A 75 -14.33 -11.59 13.61
CA GLU A 75 -14.40 -10.13 13.64
C GLU A 75 -13.40 -9.56 12.64
N ILE A 76 -12.21 -10.17 12.61
CA ILE A 76 -11.19 -9.78 11.64
C ILE A 76 -11.69 -9.97 10.21
N GLN A 77 -12.28 -11.13 9.94
CA GLN A 77 -12.79 -11.42 8.60
C GLN A 77 -13.90 -10.44 8.25
N HIS A 78 -14.79 -10.17 9.19
CA HIS A 78 -15.93 -9.28 8.95
C HIS A 78 -15.49 -7.83 8.80
N GLY A 79 -14.49 -7.42 9.59
CA GLY A 79 -13.91 -6.08 9.48
C GLY A 79 -13.28 -5.77 8.12
N PHE A 80 -12.51 -6.72 7.59
CA PHE A 80 -11.82 -6.55 6.30
C PHE A 80 -12.79 -6.57 5.13
N GLN A 81 -13.89 -7.31 5.26
CA GLN A 81 -14.96 -7.29 4.28
C GLN A 81 -15.67 -5.93 4.25
N HIS A 82 -15.97 -5.37 5.43
CA HIS A 82 -16.54 -4.02 5.52
C HIS A 82 -15.55 -2.93 5.06
N LEU A 83 -14.27 -3.09 5.38
CA LEU A 83 -13.23 -2.16 4.89
C LEU A 83 -13.19 -2.09 3.34
N ILE A 84 -13.11 -3.23 2.68
CA ILE A 84 -12.96 -3.23 1.21
C ILE A 84 -14.21 -2.65 0.59
N CYS A 85 -15.34 -3.02 1.15
CA CYS A 85 -16.62 -2.57 0.66
C CYS A 85 -16.73 -1.04 0.78
N SER A 86 -16.28 -0.51 1.91
CA SER A 86 -16.30 0.93 2.14
C SER A 86 -15.37 1.70 1.17
N LEU A 87 -14.13 1.23 1.01
CA LEU A 87 -13.17 1.90 0.12
C LEU A 87 -13.70 1.94 -1.32
N ASN A 88 -14.39 0.88 -1.73
CA ASN A 88 -14.96 0.79 -3.09
C ASN A 88 -16.25 1.57 -3.32
N PHE A 89 -16.91 2.02 -2.26
CA PHE A 89 -18.19 2.73 -2.39
C PHE A 89 -18.01 4.00 -3.21
N PRO A 90 -18.85 4.21 -4.25
CA PRO A 90 -18.74 5.38 -5.14
C PRO A 90 -18.71 6.72 -4.41
N LYS A 91 -17.62 7.47 -4.59
CA LYS A 91 -17.47 8.81 -4.01
C LYS A 91 -17.28 9.82 -5.13
N LYS A 92 -17.97 10.95 -5.04
CA LYS A 92 -17.90 11.99 -6.07
C LYS A 92 -16.47 12.55 -6.16
N GLU A 93 -16.01 12.77 -7.39
CA GLU A 93 -14.69 13.41 -7.65
C GLU A 93 -13.46 12.67 -7.07
N LEU A 94 -13.62 11.39 -6.73
CA LEU A 94 -12.48 10.56 -6.31
C LEU A 94 -12.59 9.14 -6.87
N GLU A 95 -11.58 8.69 -7.61
CA GLU A 95 -11.50 7.31 -8.06
C GLU A 95 -10.73 6.47 -7.04
N LEU A 96 -11.41 5.52 -6.41
CA LEU A 96 -10.72 4.54 -5.57
C LEU A 96 -11.32 3.15 -5.77
N GLN A 97 -10.50 2.20 -6.20
CA GLN A 97 -10.95 0.84 -6.36
C GLN A 97 -9.88 -0.12 -5.90
N ILE A 98 -10.28 -1.06 -5.06
CA ILE A 98 -9.41 -2.11 -4.60
C ILE A 98 -10.20 -3.40 -4.82
N GLY A 99 -9.61 -4.29 -5.58
CA GLY A 99 -10.26 -5.55 -5.94
C GLY A 99 -9.23 -6.65 -5.90
N ASN A 100 -9.68 -7.86 -6.15
CA ASN A 100 -8.78 -8.98 -6.20
C ASN A 100 -9.26 -10.07 -7.13
N ALA A 101 -8.33 -10.95 -7.47
CA ALA A 101 -8.57 -11.97 -8.44
C ALA A 101 -7.81 -13.20 -8.00
N LEU A 102 -8.47 -14.34 -8.16
CA LEU A 102 -7.87 -15.61 -7.86
C LEU A 102 -7.77 -16.38 -9.17
N PHE A 103 -6.54 -16.69 -9.57
CA PHE A 103 -6.30 -17.51 -10.75
C PHE A 103 -6.05 -18.95 -10.30
N ILE A 104 -7.03 -19.82 -10.56
CA ILE A 104 -7.00 -21.18 -10.01
C ILE A 104 -6.66 -22.22 -11.07
N GLY A 105 -5.62 -23.00 -10.79
CA GLY A 105 -5.20 -24.09 -11.68
C GLY A 105 -6.36 -24.97 -12.10
N LYS A 106 -6.37 -25.39 -13.35
CA LYS A 106 -7.44 -26.24 -13.88
C LYS A 106 -7.73 -27.50 -13.04
N HIS A 107 -6.71 -28.05 -12.39
CA HIS A 107 -6.86 -29.32 -11.69
C HIS A 107 -6.99 -29.21 -10.18
N LEU A 108 -7.06 -28.00 -9.64
CA LEU A 108 -7.24 -27.85 -8.21
C LEU A 108 -8.70 -28.08 -7.85
N LYS A 109 -8.95 -28.45 -6.60
CA LYS A 109 -10.30 -28.71 -6.12
C LYS A 109 -10.75 -27.63 -5.14
N PRO A 110 -11.04 -26.42 -5.64
CA PRO A 110 -11.42 -25.39 -4.68
C PRO A 110 -12.80 -25.65 -4.07
N LEU A 111 -12.93 -25.44 -2.77
CA LEU A 111 -14.22 -25.55 -2.09
C LEU A 111 -15.16 -24.46 -2.62
N ALA A 112 -16.29 -24.86 -3.18
CA ALA A 112 -17.25 -23.89 -3.74
C ALA A 112 -17.81 -22.96 -2.66
N LYS A 113 -17.65 -23.35 -1.39
CA LYS A 113 -17.89 -22.46 -0.25
C LYS A 113 -16.98 -21.25 -0.29
N PHE A 114 -15.67 -21.52 -0.30
CA PHE A 114 -14.64 -20.49 -0.29
C PHE A 114 -14.71 -19.60 -1.52
N LEU A 115 -15.05 -20.21 -2.67
CA LEU A 115 -15.24 -19.46 -3.91
C LEU A 115 -16.45 -18.53 -3.85
N ASN A 116 -17.59 -19.07 -3.45
CA ASN A 116 -18.80 -18.25 -3.41
C ASN A 116 -18.69 -17.10 -2.42
N ASP A 117 -17.94 -17.35 -1.34
CA ASP A 117 -17.79 -16.38 -0.27
C ASP A 117 -16.78 -15.27 -0.62
N VAL A 118 -15.66 -15.60 -1.26
CA VAL A 118 -14.75 -14.56 -1.73
C VAL A 118 -15.41 -13.70 -2.85
N LYS A 119 -16.18 -14.33 -3.73
CA LYS A 119 -16.90 -13.62 -4.80
C LYS A 119 -17.93 -12.68 -4.21
N THR A 120 -18.76 -13.18 -3.31
CA THR A 120 -19.87 -12.37 -2.83
C THR A 120 -19.39 -11.37 -1.74
N LEU A 121 -18.39 -11.72 -0.95
CA LEU A 121 -17.97 -10.89 0.20
C LEU A 121 -16.72 -9.98 0.00
N TYR A 122 -15.81 -10.36 -0.89
CA TYR A 122 -14.65 -9.53 -1.23
C TYR A 122 -14.63 -9.12 -2.72
N GLU A 123 -15.74 -9.23 -3.42
CA GLU A 123 -15.78 -8.90 -4.86
C GLU A 123 -14.82 -9.71 -5.76
N THR A 124 -14.17 -10.74 -5.21
CA THR A 124 -13.16 -11.50 -5.93
C THR A 124 -13.65 -11.96 -7.29
N GLU A 125 -12.77 -11.84 -8.27
CA GLU A 125 -12.96 -12.41 -9.58
C GLU A 125 -12.14 -13.68 -9.65
N VAL A 126 -12.77 -14.73 -10.17
CA VAL A 126 -12.19 -16.07 -10.17
C VAL A 126 -12.00 -16.50 -11.61
N PHE A 127 -10.81 -16.99 -11.90
CA PHE A 127 -10.46 -17.46 -13.24
C PHE A 127 -9.82 -18.82 -13.17
N SER A 128 -10.35 -19.76 -13.95
CA SER A 128 -9.70 -21.04 -14.14
C SER A 128 -8.51 -20.78 -15.06
N THR A 129 -7.32 -21.13 -14.61
CA THR A 129 -6.08 -20.77 -15.30
C THR A 129 -5.31 -22.02 -15.72
N ASP A 130 -4.92 -22.06 -16.97
CA ASP A 130 -4.08 -23.15 -17.47
C ASP A 130 -2.62 -22.84 -17.12
N PHE A 131 -2.16 -23.30 -15.97
CA PHE A 131 -0.77 -23.07 -15.56
C PHE A 131 0.24 -24.00 -16.25
N SER A 132 -0.24 -24.97 -17.04
CA SER A 132 0.67 -25.75 -17.89
C SER A 132 1.23 -24.91 -19.06
N ASN A 133 0.61 -23.76 -19.37
CA ASN A 133 1.27 -22.73 -20.19
C ASN A 133 1.64 -21.59 -19.28
N ILE A 134 2.79 -21.74 -18.64
CA ILE A 134 3.19 -20.86 -17.57
C ILE A 134 3.42 -19.43 -18.06
N SER A 135 3.90 -19.33 -19.29
CA SER A 135 4.17 -18.03 -19.91
C SER A 135 2.89 -17.27 -20.27
N ALA A 136 1.92 -17.97 -20.86
CA ALA A 136 0.65 -17.38 -21.21
C ALA A 136 -0.13 -16.99 -19.95
N ALA A 137 -0.03 -17.81 -18.91
CA ALA A 137 -0.69 -17.53 -17.64
C ALA A 137 -0.13 -16.24 -17.04
N LYS A 138 1.20 -16.10 -17.10
CA LYS A 138 1.86 -14.92 -16.55
C LYS A 138 1.38 -13.65 -17.23
N GLN A 139 1.28 -13.69 -18.55
CA GLN A 139 0.78 -12.55 -19.34
C GLN A 139 -0.67 -12.22 -19.03
N GLU A 140 -1.49 -13.25 -18.84
CA GLU A 140 -2.91 -13.07 -18.52
C GLU A 140 -3.08 -12.31 -17.18
N ILE A 141 -2.34 -12.76 -16.17
CA ILE A 141 -2.39 -12.15 -14.86
C ILE A 141 -1.84 -10.72 -14.93
N ASN A 142 -0.66 -10.58 -15.54
CA ASN A 142 -0.08 -9.24 -15.67
C ASN A 142 -1.01 -8.30 -16.40
N SER A 143 -1.64 -8.78 -17.48
CA SER A 143 -2.56 -7.97 -18.25
C SER A 143 -3.81 -7.60 -17.45
N HIS A 144 -4.32 -8.56 -16.69
CA HIS A 144 -5.46 -8.29 -15.81
C HIS A 144 -5.12 -7.19 -14.78
N VAL A 145 -3.94 -7.26 -14.19
CA VAL A 145 -3.53 -6.26 -13.20
C VAL A 145 -3.32 -4.87 -13.85
N GLU A 146 -2.67 -4.86 -15.01
CA GLU A 146 -2.51 -3.63 -15.78
C GLU A 146 -3.87 -2.99 -16.09
N MET A 147 -4.83 -3.80 -16.51
CA MET A 147 -6.15 -3.31 -16.87
C MET A 147 -6.85 -2.70 -15.66
N GLN A 148 -6.75 -3.39 -14.53
CA GLN A 148 -7.48 -3.02 -13.33
C GLN A 148 -6.85 -1.85 -12.58
N THR A 149 -5.55 -1.61 -12.82
CA THR A 149 -4.89 -0.42 -12.32
C THR A 149 -4.83 0.70 -13.37
N LYS A 150 -5.74 0.66 -14.35
CA LYS A 150 -5.83 1.69 -15.39
C LYS A 150 -4.49 1.95 -16.06
N GLY A 151 -3.79 0.87 -16.38
CA GLY A 151 -2.53 0.96 -17.12
C GLY A 151 -1.31 1.25 -16.27
N LYS A 152 -1.48 1.46 -14.97
CA LYS A 152 -0.38 2.01 -14.17
C LYS A 152 0.57 0.96 -13.62
N VAL A 153 0.06 -0.23 -13.33
CA VAL A 153 0.92 -1.31 -12.86
C VAL A 153 1.15 -2.34 -13.96
N VAL A 154 2.29 -2.21 -14.63
CA VAL A 154 2.69 -3.07 -15.75
C VAL A 154 3.73 -4.09 -15.26
N GLY A 155 3.56 -5.35 -15.68
CA GLY A 155 4.58 -6.37 -15.46
C GLY A 155 4.76 -6.76 -14.01
N LEU A 156 3.65 -6.93 -13.29
CA LEU A 156 3.71 -7.23 -11.87
C LEU A 156 4.54 -8.49 -11.59
N ILE A 157 4.27 -9.53 -12.35
CA ILE A 157 4.94 -10.80 -12.14
C ILE A 157 6.03 -10.86 -13.18
N GLN A 158 7.27 -10.90 -12.70
CA GLN A 158 8.42 -11.03 -13.57
C GLN A 158 8.67 -12.51 -13.86
N ASP A 159 8.63 -13.31 -12.81
CA ASP A 159 8.94 -14.74 -12.90
C ASP A 159 7.86 -15.50 -12.18
N LEU A 160 7.43 -16.60 -12.80
CA LEU A 160 6.37 -17.43 -12.25
C LEU A 160 6.86 -18.86 -12.28
N LYS A 161 7.03 -19.47 -11.11
CA LYS A 161 7.50 -20.86 -10.99
C LYS A 161 6.71 -21.83 -11.86
N PRO A 162 7.42 -22.76 -12.54
CA PRO A 162 6.75 -23.67 -13.48
C PRO A 162 5.62 -24.49 -12.84
N ASN A 163 5.79 -24.84 -11.56
CA ASN A 163 4.78 -25.62 -10.85
C ASN A 163 3.69 -24.79 -10.14
N THR A 164 3.54 -23.51 -10.48
CA THR A 164 2.46 -22.70 -9.89
C THR A 164 1.11 -23.31 -10.22
N ILE A 165 0.25 -23.44 -9.22
CA ILE A 165 -1.11 -23.95 -9.39
C ILE A 165 -2.19 -22.99 -8.86
N MET A 166 -1.76 -21.90 -8.21
CA MET A 166 -2.67 -20.82 -7.87
C MET A 166 -1.92 -19.49 -7.71
N VAL A 167 -2.56 -18.41 -8.15
CA VAL A 167 -2.09 -17.05 -7.93
C VAL A 167 -3.24 -16.22 -7.41
N LEU A 168 -3.04 -15.56 -6.26
CA LEU A 168 -3.96 -14.58 -5.71
C LEU A 168 -3.37 -13.19 -5.98
N VAL A 169 -4.13 -12.33 -6.69
CA VAL A 169 -3.75 -10.94 -6.89
C VAL A 169 -4.75 -9.97 -6.22
N ASN A 170 -4.20 -8.88 -5.67
CA ASN A 170 -4.99 -7.75 -5.12
C ASN A 170 -4.46 -6.53 -5.87
N TYR A 171 -5.35 -5.59 -6.20
CA TYR A 171 -4.95 -4.39 -6.92
C TYR A 171 -5.70 -3.19 -6.35
N ILE A 172 -5.02 -2.06 -6.31
CA ILE A 172 -5.60 -0.82 -5.82
C ILE A 172 -5.26 0.26 -6.81
N HIS A 173 -6.25 1.05 -7.18
CA HIS A 173 -6.00 2.20 -8.00
C HIS A 173 -6.65 3.39 -7.32
N PHE A 174 -5.94 4.52 -7.33
CA PHE A 174 -6.36 5.75 -6.69
C PHE A 174 -6.13 6.94 -7.62
N LYS A 175 -7.14 7.76 -7.86
CA LYS A 175 -6.93 9.00 -8.61
C LYS A 175 -7.80 10.12 -8.07
N ALA A 176 -7.17 11.25 -7.76
CA ALA A 176 -7.88 12.32 -7.07
C ALA A 176 -7.24 13.68 -7.33
N GLN A 177 -8.07 14.70 -7.21
CA GLN A 177 -7.69 16.05 -7.43
C GLN A 177 -7.38 16.66 -6.06
N TRP A 178 -6.35 17.50 -6.00
CA TRP A 178 -6.11 18.31 -4.83
C TRP A 178 -7.34 19.17 -4.58
N ALA A 179 -7.71 19.36 -3.32
CA ALA A 179 -8.73 20.35 -2.98
C ALA A 179 -8.33 21.70 -3.52
N ASN A 180 -7.03 22.03 -3.40
CA ASN A 180 -6.47 23.24 -4.01
C ASN A 180 -5.39 22.89 -5.05
N PRO A 181 -5.79 22.78 -6.33
CA PRO A 181 -4.78 22.42 -7.34
C PRO A 181 -3.71 23.50 -7.48
N PHE A 182 -2.50 23.12 -7.88
CA PHE A 182 -1.47 24.09 -8.21
C PHE A 182 -1.70 24.67 -9.62
N ASP A 183 -1.24 25.91 -9.82
CA ASP A 183 -1.30 26.57 -11.12
C ASP A 183 -0.02 26.19 -11.84
N PRO A 184 -0.13 25.52 -13.00
CA PRO A 184 1.10 25.14 -13.70
C PRO A 184 1.98 26.33 -14.16
N SER A 185 1.39 27.50 -14.41
CA SER A 185 2.21 28.68 -14.74
C SER A 185 3.07 29.19 -13.57
N LYS A 186 2.87 28.66 -12.36
CA LYS A 186 3.72 29.03 -11.23
C LYS A 186 4.70 27.92 -10.88
N THR A 187 4.67 26.83 -11.63
CA THR A 187 5.61 25.74 -11.39
C THR A 187 6.97 26.13 -11.94
N GLU A 188 8.00 26.00 -11.12
CA GLU A 188 9.37 26.27 -11.53
C GLU A 188 9.88 25.04 -12.28
N ASP A 189 10.30 25.21 -13.53
CA ASP A 189 10.76 24.09 -14.38
C ASP A 189 11.88 23.27 -13.76
N SER A 190 12.83 23.95 -13.11
CA SER A 190 14.03 23.30 -12.61
C SER A 190 14.42 23.86 -11.26
N SER A 191 14.10 23.13 -10.20
CA SER A 191 14.45 23.57 -8.84
C SER A 191 15.23 22.48 -8.11
N SER A 192 16.05 22.86 -7.15
CA SER A 192 16.92 21.90 -6.44
C SER A 192 16.20 21.07 -5.39
N PHE A 193 16.48 19.77 -5.37
CA PHE A 193 16.03 18.86 -4.34
C PHE A 193 17.22 18.11 -3.75
N LEU A 194 17.43 18.25 -2.45
CA LEU A 194 18.56 17.59 -1.78
C LEU A 194 18.32 16.07 -1.64
N ILE A 195 19.14 15.25 -2.28
CA ILE A 195 19.02 13.78 -2.17
C ILE A 195 19.97 13.17 -1.12
N ASP A 196 20.97 13.94 -0.72
CA ASP A 196 21.87 13.56 0.37
C ASP A 196 22.64 14.81 0.79
N LYS A 197 23.43 14.71 1.85
CA LYS A 197 24.09 15.88 2.44
C LYS A 197 24.53 16.89 1.37
N THR A 198 25.31 16.43 0.41
CA THR A 198 26.00 17.30 -0.53
C THR A 198 25.49 17.27 -1.99
N THR A 199 24.44 16.49 -2.28
CA THR A 199 24.02 16.26 -3.66
C THR A 199 22.60 16.70 -3.91
N THR A 200 22.38 17.42 -5.00
CA THR A 200 21.01 17.77 -5.42
C THR A 200 20.65 17.19 -6.80
N VAL A 201 19.35 17.05 -7.03
CA VAL A 201 18.79 16.76 -8.34
C VAL A 201 17.88 17.92 -8.71
N GLN A 202 17.54 18.01 -9.99
CA GLN A 202 16.62 19.04 -10.45
C GLN A 202 15.22 18.45 -10.69
N VAL A 203 14.21 19.11 -10.11
CA VAL A 203 12.81 18.69 -10.26
C VAL A 203 11.91 19.87 -10.54
N PRO A 204 10.77 19.63 -11.22
CA PRO A 204 9.82 20.75 -11.27
C PRO A 204 9.27 21.02 -9.86
N MET A 205 9.21 22.28 -9.43
CA MET A 205 8.71 22.59 -8.11
C MET A 205 7.43 23.39 -8.20
N MET A 206 6.32 22.78 -7.79
CA MET A 206 5.03 23.46 -7.82
C MET A 206 4.99 24.42 -6.65
N HIS A 207 4.19 25.48 -6.79
CA HIS A 207 4.22 26.58 -5.84
C HIS A 207 2.82 27.15 -5.72
N GLN A 208 2.34 27.24 -4.48
CA GLN A 208 1.06 27.84 -4.18
C GLN A 208 1.12 28.55 -2.83
N MET A 209 0.34 29.60 -2.72
CA MET A 209 0.12 30.28 -1.46
C MET A 209 -1.36 30.11 -1.10
N GLU A 210 -1.62 29.29 -0.08
CA GLU A 210 -2.97 28.96 0.34
C GLU A 210 -2.91 28.59 1.85
N GLN A 211 -4.07 28.36 2.43
CA GLN A 211 -4.16 27.84 3.79
C GLN A 211 -4.09 26.32 3.77
N TYR A 212 -3.23 25.74 4.61
CA TYR A 212 -3.15 24.29 4.77
C TYR A 212 -3.09 23.91 6.25
N TYR A 213 -3.61 22.73 6.56
CA TYR A 213 -3.36 22.13 7.84
C TYR A 213 -1.91 21.75 7.85
N HIS A 214 -1.19 22.21 8.85
CA HIS A 214 0.22 21.84 8.98
C HIS A 214 0.63 21.94 10.42
N LEU A 215 1.81 21.42 10.74
CA LEU A 215 2.40 21.61 12.04
C LEU A 215 3.88 21.36 12.02
N VAL A 216 4.53 21.80 13.10
CA VAL A 216 5.91 21.43 13.40
C VAL A 216 5.85 20.55 14.66
N ASP A 217 6.16 19.26 14.48
CA ASP A 217 6.23 18.35 15.60
C ASP A 217 7.48 18.69 16.38
N MET A 218 7.28 19.19 17.60
CA MET A 218 8.37 19.71 18.39
C MET A 218 9.14 18.57 19.11
N GLU A 219 8.52 17.40 19.25
CA GLU A 219 9.19 16.23 19.83
C GLU A 219 10.11 15.58 18.79
N LEU A 220 9.59 15.47 17.57
CA LEU A 220 10.23 14.71 16.50
C LEU A 220 11.02 15.58 15.54
N ASN A 221 10.86 16.89 15.63
CA ASN A 221 11.60 17.79 14.77
C ASN A 221 11.35 17.48 13.30
N CYS A 222 10.08 17.56 12.91
CA CYS A 222 9.69 17.46 11.52
C CYS A 222 8.48 18.34 11.29
N THR A 223 8.34 18.73 10.05
CA THR A 223 7.21 19.50 9.58
C THR A 223 6.22 18.52 8.98
N VAL A 224 4.96 18.65 9.37
CA VAL A 224 3.90 17.85 8.76
C VAL A 224 2.98 18.76 7.97
N LEU A 225 2.77 18.43 6.71
CA LEU A 225 1.90 19.22 5.88
C LEU A 225 0.81 18.32 5.28
N GLN A 226 -0.45 18.74 5.38
CA GLN A 226 -1.57 17.95 4.88
C GLN A 226 -2.09 18.66 3.66
N MET A 227 -2.21 17.95 2.56
CA MET A 227 -2.92 18.47 1.40
C MET A 227 -4.12 17.59 1.13
N ASP A 228 -5.31 18.15 1.29
CA ASP A 228 -6.54 17.42 1.04
C ASP A 228 -6.76 17.19 -0.46
N TYR A 229 -7.38 16.07 -0.77
CA TYR A 229 -8.00 15.83 -2.06
C TYR A 229 -9.44 16.30 -1.94
N SER A 230 -10.08 16.54 -3.07
CA SER A 230 -11.36 17.22 -3.10
C SER A 230 -12.50 16.47 -2.39
N LYS A 231 -12.30 15.19 -2.07
CA LYS A 231 -13.28 14.41 -1.29
C LYS A 231 -12.69 13.12 -0.71
N ASN A 232 -12.82 12.96 0.61
CA ASN A 232 -12.67 11.69 1.34
C ASN A 232 -11.23 11.16 1.49
N ALA A 233 -10.25 12.02 1.20
CA ALA A 233 -8.87 11.57 1.15
C ALA A 233 -7.91 12.72 1.38
N LEU A 234 -6.72 12.40 1.86
CA LEU A 234 -5.67 13.41 2.07
C LEU A 234 -4.29 12.83 1.84
N ALA A 235 -3.32 13.73 1.60
CA ALA A 235 -1.90 13.41 1.59
C ALA A 235 -1.23 14.09 2.79
N LEU A 236 -0.36 13.37 3.50
CA LEU A 236 0.51 13.96 4.52
C LEU A 236 1.92 13.89 4.00
N PHE A 237 2.57 15.05 4.01
CA PHE A 237 3.99 15.15 3.71
C PHE A 237 4.71 15.33 5.04
N VAL A 238 5.73 14.53 5.27
CA VAL A 238 6.49 14.59 6.53
C VAL A 238 7.92 14.93 6.18
N LEU A 239 8.34 16.13 6.59
CA LEU A 239 9.64 16.66 6.23
C LEU A 239 10.49 16.85 7.49
N PRO A 240 11.38 15.89 7.81
CA PRO A 240 12.31 15.97 8.92
C PRO A 240 13.29 17.13 8.76
N LYS A 241 13.78 17.64 9.88
CA LYS A 241 14.92 18.54 9.82
C LYS A 241 16.09 17.73 9.28
N GLU A 242 17.08 18.43 8.73
CA GLU A 242 18.27 17.77 8.17
C GLU A 242 18.84 16.74 9.15
N GLY A 243 19.12 15.54 8.64
CA GLY A 243 19.70 14.46 9.46
C GLY A 243 18.79 13.79 10.50
N GLN A 244 17.50 14.13 10.50
CA GLN A 244 16.57 13.59 11.49
C GLN A 244 15.64 12.50 10.95
N MET A 245 15.84 12.05 9.70
CA MET A 245 14.90 11.12 9.03
C MET A 245 14.79 9.78 9.76
N GLU A 246 15.94 9.19 10.12
CA GLU A 246 15.94 7.94 10.90
C GLU A 246 15.08 8.03 12.17
N SER A 247 15.21 9.13 12.93
CA SER A 247 14.45 9.24 14.20
C SER A 247 12.95 9.49 14.01
N VAL A 248 12.55 10.15 12.90
CA VAL A 248 11.15 10.24 12.51
C VAL A 248 10.62 8.86 12.08
N GLU A 249 11.40 8.14 11.28
CA GLU A 249 11.00 6.79 10.85
C GLU A 249 10.78 5.86 12.03
N ALA A 250 11.66 5.94 13.03
CA ALA A 250 11.57 5.09 14.23
C ALA A 250 10.29 5.38 15.04
N ALA A 251 9.82 6.63 15.00
CA ALA A 251 8.63 7.03 15.74
C ALA A 251 7.30 6.85 14.99
N MET A 252 7.31 6.64 13.67
CA MET A 252 6.05 6.57 12.94
C MET A 252 5.20 5.41 13.45
N SER A 253 3.94 5.71 13.71
CA SER A 253 3.01 4.79 14.33
C SER A 253 1.61 5.36 14.27
N SER A 254 0.62 4.52 14.63
CA SER A 254 -0.76 4.98 14.68
C SER A 254 -0.90 6.01 15.78
N LYS A 255 -0.19 5.83 16.90
CA LYS A 255 -0.21 6.81 18.00
C LYS A 255 0.27 8.20 17.53
N THR A 256 1.36 8.21 16.77
CA THR A 256 1.88 9.44 16.15
C THR A 256 0.83 10.04 15.18
N LEU A 257 0.22 9.23 14.32
CA LEU A 257 -0.84 9.76 13.41
C LEU A 257 -2.01 10.39 14.20
N LYS A 258 -2.40 9.75 15.31
CA LYS A 258 -3.47 10.29 16.14
C LYS A 258 -3.10 11.64 16.72
N LYS A 259 -1.87 11.75 17.22
CA LYS A 259 -1.31 13.02 17.70
C LYS A 259 -1.38 14.12 16.62
N TRP A 260 -0.84 13.84 15.44
CA TRP A 260 -0.88 14.83 14.37
C TRP A 260 -2.30 15.21 13.99
N ASN A 261 -3.20 14.24 13.94
CA ASN A 261 -4.62 14.51 13.69
C ASN A 261 -5.17 15.58 14.66
N ARG A 262 -4.75 15.51 15.92
CA ARG A 262 -5.15 16.50 16.92
C ARG A 262 -4.46 17.85 16.76
N LEU A 263 -3.18 17.84 16.36
CA LEU A 263 -2.34 19.05 16.48
C LEU A 263 -2.36 19.90 15.20
N LEU A 264 -2.59 19.24 14.07
CA LEU A 264 -2.59 19.90 12.78
C LEU A 264 -3.49 21.13 12.84
N GLN A 265 -2.97 22.30 12.45
CA GLN A 265 -3.77 23.53 12.39
C GLN A 265 -3.71 24.14 10.99
N LYS A 266 -4.86 24.65 10.57
CA LYS A 266 -4.95 25.31 9.28
C LYS A 266 -4.41 26.72 9.41
N GLY A 267 -3.56 27.09 8.47
CA GLY A 267 -3.08 28.47 8.37
C GLY A 267 -2.37 28.70 7.06
N TRP A 268 -2.03 29.96 6.79
CA TRP A 268 -1.40 30.34 5.53
C TRP A 268 0.01 29.76 5.43
N VAL A 269 0.36 29.31 4.23
CA VAL A 269 1.66 28.71 3.98
C VAL A 269 2.09 29.09 2.58
N ASP A 270 3.38 29.41 2.45
CA ASP A 270 3.99 29.59 1.14
C ASP A 270 4.63 28.25 0.84
N LEU A 271 4.02 27.49 -0.07
CA LEU A 271 4.28 26.07 -0.17
C LEU A 271 4.88 25.72 -1.50
N PHE A 272 5.96 24.94 -1.46
CA PHE A 272 6.62 24.45 -2.66
C PHE A 272 6.60 22.93 -2.62
N VAL A 273 6.01 22.30 -3.63
CA VAL A 273 5.95 20.83 -3.69
C VAL A 273 6.46 20.30 -5.04
N PRO A 274 7.33 19.28 -5.02
CA PRO A 274 7.82 18.75 -6.29
C PRO A 274 6.77 18.02 -7.11
N LYS A 275 6.88 18.13 -8.42
CA LYS A 275 6.07 17.37 -9.36
C LYS A 275 6.94 16.21 -9.80
N PHE A 276 6.43 14.99 -9.68
CA PHE A 276 7.29 13.80 -9.85
C PHE A 276 6.51 12.48 -9.88
N SER A 277 7.23 11.43 -10.26
CA SER A 277 6.71 10.09 -10.31
C SER A 277 7.76 9.17 -9.70
N ILE A 278 7.34 8.17 -8.96
CA ILE A 278 8.26 7.10 -8.60
C ILE A 278 7.53 5.76 -8.65
N SER A 279 8.32 4.70 -8.54
CA SER A 279 7.77 3.37 -8.47
C SER A 279 8.73 2.49 -7.72
N ALA A 280 8.19 1.45 -7.07
CA ALA A 280 9.01 0.53 -6.30
C ALA A 280 8.44 -0.89 -6.42
N THR A 281 9.33 -1.88 -6.39
CA THR A 281 8.96 -3.28 -6.40
C THR A 281 9.56 -3.96 -5.18
N TYR A 282 8.85 -4.96 -4.63
CA TYR A 282 9.29 -5.71 -3.43
C TYR A 282 9.06 -7.23 -3.59
N ASP A 283 10.14 -7.99 -3.49
CA ASP A 283 10.03 -9.43 -3.30
C ASP A 283 9.75 -9.60 -1.81
N LEU A 284 8.56 -10.10 -1.48
CA LEU A 284 8.12 -10.19 -0.09
C LEU A 284 8.21 -11.59 0.54
N GLY A 285 8.52 -12.60 -0.27
CA GLY A 285 8.72 -13.98 0.23
C GLY A 285 9.38 -14.10 1.60
N ALA A 286 10.68 -13.78 1.66
CA ALA A 286 11.48 -13.94 2.88
C ALA A 286 11.04 -13.00 4.01
N THR A 287 10.70 -11.76 3.66
CA THR A 287 10.22 -10.76 4.65
C THR A 287 9.04 -11.27 5.49
N LEU A 288 8.08 -11.87 4.82
CA LEU A 288 6.89 -12.38 5.47
C LEU A 288 7.20 -13.58 6.36
N LEU A 289 8.08 -14.47 5.90
CA LEU A 289 8.55 -15.58 6.76
C LEU A 289 9.14 -15.05 8.06
N LYS A 290 10.00 -14.02 7.97
CA LYS A 290 10.63 -13.45 9.15
C LYS A 290 9.60 -12.86 10.10
N MET A 291 8.66 -12.12 9.55
CA MET A 291 7.67 -11.43 10.36
C MET A 291 6.72 -12.40 11.06
N GLY A 292 6.79 -13.68 10.72
CA GLY A 292 6.03 -14.71 11.43
C GLY A 292 5.15 -15.65 10.62
N ILE A 293 5.08 -15.48 9.31
CA ILE A 293 4.28 -16.37 8.45
C ILE A 293 5.11 -17.57 8.00
N GLN A 294 5.00 -18.66 8.76
CA GLN A 294 5.91 -19.80 8.66
C GLN A 294 5.25 -21.04 8.06
N HIS A 295 4.15 -21.49 8.68
CA HIS A 295 3.48 -22.72 8.27
C HIS A 295 2.88 -22.66 6.86
N ALA A 296 2.43 -21.48 6.44
CA ALA A 296 1.93 -21.27 5.08
C ALA A 296 2.93 -21.69 3.97
N TYR A 297 4.23 -21.58 4.24
CA TYR A 297 5.28 -21.99 3.30
C TYR A 297 5.67 -23.46 3.39
N SER A 298 5.40 -24.10 4.54
CA SER A 298 5.86 -25.47 4.78
C SER A 298 5.00 -26.53 4.10
N GLU A 299 5.55 -27.74 4.01
CA GLU A 299 4.80 -28.86 3.43
C GLU A 299 3.64 -29.33 4.31
N ASN A 300 3.54 -28.81 5.54
CA ASN A 300 2.38 -29.04 6.39
C ASN A 300 1.49 -27.80 6.51
N ALA A 301 1.51 -26.95 5.49
CA ALA A 301 0.59 -25.81 5.40
C ALA A 301 -0.85 -26.30 5.47
N ASP A 302 -1.68 -25.56 6.21
CA ASP A 302 -3.07 -25.91 6.41
C ASP A 302 -3.95 -24.86 5.75
N PHE A 303 -4.32 -25.12 4.49
CA PHE A 303 -5.34 -24.34 3.78
C PHE A 303 -6.56 -25.23 3.49
N SER A 304 -6.99 -25.96 4.51
CA SER A 304 -8.16 -26.85 4.40
C SER A 304 -9.49 -26.11 4.13
N GLY A 305 -9.50 -24.80 4.30
CA GLY A 305 -10.65 -23.98 3.92
C GLY A 305 -10.69 -23.63 2.44
N LEU A 306 -9.64 -23.98 1.69
CA LEU A 306 -9.45 -23.47 0.34
C LEU A 306 -9.78 -24.55 -0.68
N THR A 307 -9.13 -25.70 -0.56
CA THR A 307 -9.34 -26.82 -1.46
C THR A 307 -9.71 -28.08 -0.67
N GLU A 308 -10.48 -28.95 -1.31
CA GLU A 308 -10.86 -30.27 -0.75
C GLU A 308 -9.70 -31.08 -0.22
N ASP A 309 -8.59 -31.06 -0.95
CA ASP A 309 -7.45 -31.93 -0.65
C ASP A 309 -6.31 -31.19 0.03
N ASN A 310 -6.50 -29.92 0.36
CA ASN A 310 -5.44 -29.12 0.98
C ASN A 310 -4.13 -29.34 0.21
N GLY A 311 -4.21 -29.16 -1.09
CA GLY A 311 -3.12 -29.53 -2.00
C GLY A 311 -2.02 -28.51 -2.22
N LEU A 312 -2.03 -27.38 -1.51
CA LEU A 312 -1.10 -26.31 -1.85
C LEU A 312 -0.38 -25.64 -0.68
N LYS A 313 0.71 -24.95 -1.02
CA LYS A 313 1.42 -24.09 -0.11
C LYS A 313 1.84 -22.82 -0.83
N LEU A 314 2.05 -21.77 -0.05
CA LEU A 314 2.56 -20.50 -0.55
C LEU A 314 4.04 -20.66 -0.92
N SER A 315 4.45 -20.03 -2.02
CA SER A 315 5.85 -20.09 -2.44
C SER A 315 6.50 -18.72 -2.58
N ASN A 316 5.78 -17.76 -3.14
CA ASN A 316 6.33 -16.44 -3.42
C ASN A 316 5.30 -15.34 -3.24
N ALA A 317 5.80 -14.16 -2.96
CA ALA A 317 4.96 -12.98 -2.75
C ALA A 317 5.73 -11.77 -3.21
N ALA A 318 5.03 -10.84 -3.85
CA ALA A 318 5.65 -9.65 -4.39
C ALA A 318 4.63 -8.51 -4.50
N HIS A 319 5.14 -7.28 -4.40
CA HIS A 319 4.32 -6.09 -4.47
C HIS A 319 4.99 -5.11 -5.44
N LYS A 320 4.17 -4.33 -6.13
CA LYS A 320 4.63 -3.26 -7.00
C LYS A 320 3.67 -2.09 -6.80
N ALA A 321 4.22 -0.89 -6.61
CA ALA A 321 3.44 0.36 -6.45
C ALA A 321 4.09 1.52 -7.21
N VAL A 322 3.22 2.41 -7.68
CA VAL A 322 3.63 3.54 -8.48
C VAL A 322 2.85 4.75 -8.05
N LEU A 323 3.49 5.92 -8.17
CA LEU A 323 2.96 7.20 -7.70
C LEU A 323 3.25 8.30 -8.68
N HIS A 324 2.27 9.15 -8.96
CA HIS A 324 2.51 10.37 -9.68
C HIS A 324 1.84 11.52 -9.00
N ILE A 325 2.60 12.58 -8.75
CA ILE A 325 2.06 13.81 -8.17
C ILE A 325 2.33 14.97 -9.13
N GLY A 326 1.27 15.71 -9.44
CA GLY A 326 1.34 16.86 -10.31
C GLY A 326 0.44 17.98 -9.81
N GLU A 327 0.27 18.97 -10.67
CA GLU A 327 -0.49 20.17 -10.31
C GLU A 327 -1.95 19.88 -10.03
N LYS A 328 -2.50 18.87 -10.72
CA LYS A 328 -3.94 18.59 -10.69
C LYS A 328 -4.32 17.76 -9.46
N GLY A 329 -3.44 16.83 -9.07
CA GLY A 329 -3.70 15.90 -7.98
C GLY A 329 -2.66 14.76 -7.91
N THR A 330 -3.13 13.56 -7.59
CA THR A 330 -2.28 12.38 -7.43
C THR A 330 -2.93 11.20 -8.14
N GLU A 331 -2.12 10.36 -8.77
CA GLU A 331 -2.58 9.07 -9.28
C GLU A 331 -1.60 8.05 -8.74
N ALA A 332 -2.12 7.01 -8.09
CA ALA A 332 -1.29 5.99 -7.47
C ALA A 332 -1.94 4.63 -7.64
N ALA A 333 -1.13 3.59 -7.70
CA ALA A 333 -1.64 2.26 -7.88
C ALA A 333 -0.68 1.25 -7.31
N GLY A 334 -1.20 0.06 -7.04
CA GLY A 334 -0.42 -0.98 -6.45
C GLY A 334 -1.05 -2.32 -6.66
N ALA A 335 -0.25 -3.36 -6.55
CA ALA A 335 -0.74 -4.71 -6.76
C ALA A 335 0.11 -5.68 -5.93
N MET A 336 -0.54 -6.71 -5.41
CA MET A 336 0.07 -7.69 -4.54
C MET A 336 -0.14 -9.05 -5.20
N PHE A 337 0.84 -9.93 -5.02
CA PHE A 337 0.94 -11.18 -5.76
C PHE A 337 1.35 -12.24 -4.76
N LEU A 338 0.50 -13.27 -4.62
CA LEU A 338 0.81 -14.44 -3.79
C LEU A 338 0.75 -15.73 -4.64
N GLU A 339 1.85 -16.47 -4.67
CA GLU A 339 1.99 -17.62 -5.56
C GLU A 339 1.91 -18.91 -4.74
N ALA A 340 1.11 -19.87 -5.21
CA ALA A 340 1.02 -21.20 -4.56
C ALA A 340 1.45 -22.34 -5.51
N ILE A 341 2.15 -23.32 -4.94
CA ILE A 341 2.63 -24.53 -5.65
C ILE A 341 2.13 -25.78 -4.89
N PRO A 342 2.27 -26.99 -5.46
CA PRO A 342 1.86 -28.20 -4.73
C PRO A 342 2.53 -28.36 -3.36
N ARG A 343 1.78 -28.90 -2.41
CA ARG A 343 2.25 -29.02 -1.03
C ARG A 343 3.19 -30.23 -0.85
N LEU B 6 4.32 37.31 6.67
CA LEU B 6 4.34 36.73 8.05
C LEU B 6 4.13 35.21 8.03
N HIS B 7 4.06 34.61 6.83
CA HIS B 7 3.62 33.24 6.68
C HIS B 7 4.79 32.28 6.57
N PRO B 8 4.70 31.11 7.25
CA PRO B 8 5.77 30.13 7.13
C PRO B 8 5.90 29.63 5.70
N ILE B 9 7.15 29.40 5.31
CA ILE B 9 7.47 28.81 4.02
C ILE B 9 7.69 27.32 4.29
N ILE B 10 6.96 26.46 3.59
CA ILE B 10 7.29 25.03 3.57
C ILE B 10 7.79 24.65 2.19
N GLN B 11 9.01 24.12 2.16
CA GLN B 11 9.66 23.76 0.92
C GLN B 11 9.99 22.29 0.95
N ILE B 12 9.27 21.50 0.17
CA ILE B 12 9.52 20.06 0.14
C ILE B 12 10.66 19.87 -0.84
N ASP B 13 11.89 20.08 -0.35
CA ASP B 13 13.07 20.11 -1.20
C ASP B 13 14.20 19.26 -0.69
N ARG B 14 13.84 18.28 0.14
CA ARG B 14 14.73 17.21 0.53
C ARG B 14 13.87 16.03 0.93
N SER B 15 14.51 14.93 1.29
CA SER B 15 13.80 13.67 1.54
C SER B 15 12.62 13.82 2.47
N PHE B 16 11.50 13.24 2.09
CA PHE B 16 10.29 13.31 2.87
C PHE B 16 9.56 11.99 2.87
N MET B 17 8.73 11.76 3.90
CA MET B 17 7.79 10.65 3.92
C MET B 17 6.46 11.17 3.38
N LEU B 18 5.75 10.31 2.66
CA LEU B 18 4.42 10.59 2.10
C LEU B 18 3.44 9.53 2.60
N LEU B 19 2.25 9.96 3.01
CA LEU B 19 1.16 9.05 3.32
C LEU B 19 -0.06 9.49 2.54
N ILE B 20 -0.79 8.55 2.00
CA ILE B 20 -2.07 8.84 1.37
C ILE B 20 -3.14 8.07 2.12
N LEU B 21 -4.06 8.83 2.71
CA LEU B 21 -5.00 8.31 3.69
C LEU B 21 -6.42 8.50 3.15
N GLU B 22 -7.27 7.48 3.36
CA GLU B 22 -8.70 7.63 3.12
C GLU B 22 -9.36 7.96 4.46
N ARG B 23 -10.24 8.96 4.42
CA ARG B 23 -10.75 9.59 5.65
CA ARG B 23 -10.76 9.60 5.65
C ARG B 23 -11.72 8.72 6.44
N SER B 24 -12.75 8.21 5.78
CA SER B 24 -13.84 7.53 6.49
C SER B 24 -13.43 6.24 7.21
N THR B 25 -12.50 5.48 6.62
CA THR B 25 -12.02 4.26 7.26
C THR B 25 -10.71 4.46 8.04
N ARG B 26 -10.15 5.65 7.93
CA ARG B 26 -8.79 5.96 8.39
C ARG B 26 -7.79 4.90 7.88
N SER B 27 -7.81 4.63 6.58
CA SER B 27 -6.88 3.67 5.97
C SER B 27 -5.65 4.38 5.40
N ILE B 28 -4.49 3.75 5.50
CA ILE B 28 -3.33 4.20 4.78
C ILE B 28 -3.35 3.47 3.46
N LEU B 29 -3.74 4.20 2.43
CA LEU B 29 -3.78 3.65 1.07
C LEU B 29 -2.36 3.42 0.53
N PHE B 30 -1.49 4.41 0.75
CA PHE B 30 -0.11 4.36 0.28
C PHE B 30 0.80 5.00 1.29
N LEU B 31 2.01 4.50 1.34
CA LEU B 31 3.04 4.93 2.28
C LEU B 31 4.39 4.90 1.58
N GLY B 32 5.18 5.93 1.79
CA GLY B 32 6.50 5.95 1.18
C GLY B 32 7.47 7.00 1.68
N LYS B 33 8.68 6.91 1.16
CA LYS B 33 9.68 7.91 1.37
C LYS B 33 10.27 8.26 0.04
N VAL B 34 10.25 9.55 -0.28
CA VAL B 34 10.91 10.05 -1.48
C VAL B 34 12.27 10.58 -1.09
N VAL B 35 13.31 9.83 -1.47
CA VAL B 35 14.70 10.20 -1.29
C VAL B 35 15.20 10.93 -2.53
N ASN B 36 14.84 10.42 -3.70
CA ASN B 36 15.22 11.02 -4.99
C ASN B 36 14.04 10.96 -5.96
N PRO B 37 13.34 12.08 -6.15
CA PRO B 37 12.12 12.08 -6.96
C PRO B 37 12.34 11.93 -8.48
N THR B 38 13.58 11.89 -8.93
CA THR B 38 13.88 11.67 -10.35
C THR B 38 14.52 10.30 -10.59
N GLU B 39 14.62 9.47 -9.54
CA GLU B 39 15.37 8.21 -9.57
C GLU B 39 14.82 7.22 -10.59
N ALA B 40 15.71 6.41 -11.16
CA ALA B 40 15.39 5.32 -12.10
C ALA B 40 14.72 5.82 -13.38
O16 ID8 C . -7.90 13.45 9.01
C14 ID8 C . -7.30 12.34 8.92
O15 ID8 C . -7.83 11.38 8.30
C13 ID8 C . -5.93 12.19 9.57
C12 ID8 C . -5.06 13.28 9.59
C11 ID8 C . -3.81 13.19 10.19
C10 ID8 C . -3.39 12.01 10.79
C9 ID8 C . -4.22 10.87 10.80
C8 ID8 C . -5.51 10.90 10.23
N7 ID8 C . -6.41 9.84 10.20
C6 ID8 C . -5.98 8.60 10.54
C1 ID8 C . -5.44 8.28 11.90
C17 ID8 C . -5.62 9.24 13.06
C5 ID8 C . -5.75 7.68 9.52
C4 ID8 C . -5.09 6.46 9.75
C3 ID8 C . -4.60 6.12 11.01
C2 ID8 C . -4.75 6.98 12.09
C18 ID8 C . -4.21 6.58 13.45
#